data_6KP3
#
_entry.id   6KP3
#
_cell.length_a   50.327
_cell.length_b   102.648
_cell.length_c   103.629
_cell.angle_alpha   90.000
_cell.angle_beta   90.000
_cell.angle_gamma   90.000
#
_symmetry.space_group_name_H-M   'P 21 21 21'
#
loop_
_entity.id
_entity.type
_entity.pdbx_description
1 polymer 'Programmed cell death 6-interacting protein'
2 polymer "C' protein"
3 water water
#
loop_
_entity_poly.entity_id
_entity_poly.type
_entity_poly.pdbx_seq_one_letter_code
_entity_poly.pdbx_strand_id
1 'polypeptide(L)'
;MNHKVHHHHHHHHMATFISVQLKKTSEVDLAKPLVKFIQQTYPSGGEEQAQYCRAAEELSKLRRAAVGRPLDKHEGALET
LLRYYDQICSIEPKFPFSENQICLTFTWKDAFDKGSLFGGSVKLALASLGYEKSCVLFNCAALASQIAAEQNLDNDEGLK
IAAKHYQFASGAFLHIKETVLSALSREPTVDISPDTVGTLSLIMLAQAQEVFFLKATRDKMKDAIIAKLANQAADYFGDA
FKQCQYKDTLPKEVFPVLAAKHCIMQANAEYHQSILAKQQKKFGEEIARLQHAAELIKTVASRYDEYVNVKDFSDKINRA
LAAAKKDNDFIYHDRVPDLKDLDPIGKATLVKSTPVNVPISQKFTDLFEKMV
;
A
2 'polypeptide(L)'
;MNHKVHHHHHHHHMLETLINKIYTGPLGEELVQTLYLRIWAMEETPESLKILQMREDIRDQVLKMKTERWLRTLIRGEKT
KLKDFQKRYEEVHPYLMKEKVEQVIMEEAWSLAAHIVQE
;
B
#
# COMPACT_ATOMS: atom_id res chain seq x y z
N ALA A 15 -19.63 3.30 5.02
CA ALA A 15 -18.24 3.01 4.53
C ALA A 15 -17.21 3.63 5.49
N THR A 16 -16.45 2.82 6.23
CA THR A 16 -15.31 3.30 7.04
C THR A 16 -14.06 3.46 6.17
N PHE A 17 -14.00 2.81 5.01
CA PHE A 17 -12.84 2.87 4.09
C PHE A 17 -13.07 3.98 3.05
N ILE A 18 -12.05 4.83 2.91
CA ILE A 18 -12.01 5.91 1.88
C ILE A 18 -11.59 5.32 0.53
N SER A 19 -12.38 5.60 -0.50
CA SER A 19 -12.06 5.42 -1.94
C SER A 19 -12.22 6.78 -2.64
N VAL A 20 -11.76 6.86 -3.87
CA VAL A 20 -11.68 8.11 -4.68
C VAL A 20 -12.51 7.90 -5.94
N GLN A 21 -13.38 8.86 -6.27
CA GLN A 21 -14.17 8.84 -7.53
C GLN A 21 -13.22 9.05 -8.71
N LEU A 22 -13.51 8.38 -9.82
CA LEU A 22 -12.78 8.51 -11.10
C LEU A 22 -13.05 9.90 -11.67
N LYS A 23 -12.03 10.47 -12.30
CA LYS A 23 -12.11 11.71 -13.12
C LYS A 23 -12.87 11.45 -14.42
N LYS A 24 -13.60 12.47 -14.89
CA LYS A 24 -14.38 12.43 -16.15
C LYS A 24 -13.56 13.13 -17.23
N THR A 25 -13.69 12.70 -18.49
CA THR A 25 -12.98 13.27 -19.69
C THR A 25 -13.94 13.32 -20.88
N SER A 26 -13.75 14.31 -21.77
CA SER A 26 -14.44 14.39 -23.09
C SER A 26 -13.89 13.30 -24.02
N GLU A 27 -14.70 12.83 -24.98
CA GLU A 27 -14.29 11.92 -26.08
C GLU A 27 -13.28 12.67 -26.94
N VAL A 28 -12.24 11.97 -27.39
CA VAL A 28 -11.17 12.52 -28.27
C VAL A 28 -11.02 11.59 -29.46
N ASP A 29 -10.91 12.15 -30.68
CA ASP A 29 -10.44 11.39 -31.87
C ASP A 29 -8.93 11.30 -31.76
N LEU A 30 -8.48 10.28 -31.05
CA LEU A 30 -7.06 9.98 -30.81
C LEU A 30 -6.42 9.44 -32.10
N ALA A 31 -7.18 8.65 -32.89
CA ALA A 31 -6.76 8.07 -34.19
C ALA A 31 -6.32 9.16 -35.17
N LYS A 32 -7.15 10.19 -35.41
CA LYS A 32 -7.04 11.11 -36.58
C LYS A 32 -5.62 11.65 -36.72
N PRO A 33 -5.04 12.30 -35.69
CA PRO A 33 -3.68 12.87 -35.82
C PRO A 33 -2.54 11.84 -35.87
N LEU A 34 -2.75 10.63 -35.33
CA LEU A 34 -1.77 9.50 -35.39
C LEU A 34 -1.79 8.91 -36.80
N VAL A 35 -3.00 8.67 -37.35
CA VAL A 35 -3.24 8.22 -38.76
C VAL A 35 -2.55 9.19 -39.72
N LYS A 36 -2.76 10.50 -39.55
CA LYS A 36 -2.18 11.57 -40.40
C LYS A 36 -0.66 11.47 -40.35
N PHE A 37 -0.09 11.22 -39.17
CA PHE A 37 1.39 11.19 -38.99
C PHE A 37 1.95 9.96 -39.70
N ILE A 38 1.29 8.80 -39.54
CA ILE A 38 1.64 7.50 -40.19
C ILE A 38 1.61 7.67 -41.72
N GLN A 39 0.55 8.31 -42.25
CA GLN A 39 0.29 8.49 -43.71
C GLN A 39 1.37 9.40 -44.32
N GLN A 40 1.96 10.28 -43.50
CA GLN A 40 3.04 11.23 -43.89
C GLN A 40 4.43 10.58 -43.74
N THR A 41 4.60 9.66 -42.79
CA THR A 41 5.86 8.92 -42.55
C THR A 41 6.00 7.78 -43.58
N TYR A 42 4.91 7.05 -43.88
CA TYR A 42 4.85 5.90 -44.82
C TYR A 42 3.95 6.25 -46.01
N PRO A 43 4.32 7.24 -46.86
CA PRO A 43 3.43 7.73 -47.92
C PRO A 43 3.16 6.68 -49.02
N SER A 44 4.08 5.73 -49.20
CA SER A 44 4.00 4.64 -50.21
C SER A 44 3.74 3.28 -49.54
N GLY A 45 3.88 3.20 -48.22
CA GLY A 45 3.87 1.95 -47.47
C GLY A 45 2.45 1.49 -47.15
N GLY A 46 1.75 0.94 -48.15
CA GLY A 46 0.42 0.30 -47.98
C GLY A 46 0.35 -0.54 -46.73
N GLU A 47 1.35 -1.39 -46.52
CA GLU A 47 1.49 -2.34 -45.38
C GLU A 47 1.49 -1.57 -44.04
N GLU A 48 2.39 -0.59 -43.90
CA GLU A 48 2.68 0.13 -42.62
C GLU A 48 1.46 1.01 -42.27
N GLN A 49 0.98 1.77 -43.25
CA GLN A 49 -0.28 2.57 -43.15
C GLN A 49 -1.41 1.68 -42.62
N ALA A 50 -1.61 0.51 -43.22
CA ALA A 50 -2.69 -0.43 -42.84
C ALA A 50 -2.49 -0.88 -41.38
N GLN A 51 -1.30 -1.33 -40.99
CA GLN A 51 -1.01 -1.86 -39.63
C GLN A 51 -1.18 -0.76 -38.56
N TYR A 52 -0.47 0.36 -38.70
CA TYR A 52 -0.32 1.35 -37.61
C TYR A 52 -1.60 2.19 -37.51
N CYS A 53 -2.23 2.53 -38.63
CA CYS A 53 -3.56 3.21 -38.65
C CYS A 53 -4.62 2.33 -37.95
N ARG A 54 -4.59 1.01 -38.16
CA ARG A 54 -5.46 0.06 -37.44
C ARG A 54 -5.15 0.15 -35.95
N ALA A 55 -3.87 0.14 -35.56
CA ALA A 55 -3.43 0.26 -34.15
C ALA A 55 -3.97 1.57 -33.58
N ALA A 56 -3.90 2.65 -34.36
CA ALA A 56 -4.36 4.00 -33.97
C ALA A 56 -5.88 3.96 -33.70
N GLU A 57 -6.64 3.29 -34.56
CA GLU A 57 -8.11 3.16 -34.35
C GLU A 57 -8.37 2.24 -33.15
N GLU A 58 -7.58 1.18 -32.96
CA GLU A 58 -7.71 0.28 -31.77
C GLU A 58 -7.42 1.10 -30.50
N LEU A 59 -6.34 1.89 -30.52
CA LEU A 59 -5.97 2.74 -29.35
C LEU A 59 -7.14 3.70 -29.03
N SER A 60 -7.72 4.36 -30.04
CA SER A 60 -8.85 5.32 -29.84
C SER A 60 -10.04 4.60 -29.20
N LYS A 61 -10.35 3.36 -29.63
CA LYS A 61 -11.40 2.52 -29.00
C LYS A 61 -11.00 2.18 -27.55
N LEU A 62 -9.70 1.93 -27.32
CA LEU A 62 -9.19 1.57 -25.98
C LEU A 62 -9.39 2.74 -25.01
N ARG A 63 -9.06 3.96 -25.41
CA ARG A 63 -9.35 5.17 -24.59
C ARG A 63 -10.85 5.20 -24.26
N ARG A 64 -11.74 5.01 -25.26
CA ARG A 64 -13.21 5.08 -25.03
C ARG A 64 -13.65 4.05 -24.00
N ALA A 65 -13.10 2.83 -24.08
CA ALA A 65 -13.37 1.73 -23.13
C ALA A 65 -12.76 2.04 -21.75
N ALA A 66 -11.57 2.65 -21.68
CA ALA A 66 -10.85 2.87 -20.41
C ALA A 66 -11.39 4.10 -19.65
N VAL A 67 -11.65 5.21 -20.35
CA VAL A 67 -11.89 6.51 -19.67
C VAL A 67 -13.17 7.18 -20.17
N GLY A 68 -13.78 6.73 -21.26
CA GLY A 68 -14.92 7.42 -21.90
C GLY A 68 -16.28 7.03 -21.34
N ARG A 69 -16.34 6.17 -20.32
CA ARG A 69 -17.60 5.62 -19.77
C ARG A 69 -17.43 5.36 -18.27
N PRO A 70 -18.53 5.29 -17.49
CA PRO A 70 -18.45 4.87 -16.09
C PRO A 70 -18.00 3.40 -16.01
N LEU A 71 -17.32 3.04 -14.93
CA LEU A 71 -16.66 1.71 -14.86
C LEU A 71 -17.27 0.94 -13.70
N ASP A 72 -17.64 -0.30 -13.96
CA ASP A 72 -18.02 -1.29 -12.92
C ASP A 72 -16.76 -1.53 -12.07
N LYS A 73 -16.93 -1.81 -10.78
CA LYS A 73 -15.80 -2.03 -9.85
C LYS A 73 -15.30 -3.47 -9.96
N HIS A 74 -14.88 -3.89 -11.16
CA HIS A 74 -14.41 -5.25 -11.49
C HIS A 74 -12.95 -5.18 -11.94
N GLU A 75 -12.26 -6.32 -11.88
CA GLU A 75 -10.84 -6.48 -12.25
C GLU A 75 -10.68 -6.17 -13.74
N GLY A 76 -11.64 -6.63 -14.56
CA GLY A 76 -11.63 -6.49 -16.03
C GLY A 76 -11.65 -5.03 -16.42
N ALA A 77 -12.41 -4.19 -15.71
CA ALA A 77 -12.42 -2.73 -15.96
C ALA A 77 -11.07 -2.14 -15.53
N LEU A 78 -10.48 -2.55 -14.41
CA LEU A 78 -9.16 -2.03 -13.95
C LEU A 78 -8.06 -2.42 -14.96
N GLU A 79 -8.04 -3.68 -15.39
CA GLU A 79 -7.10 -4.15 -16.45
C GLU A 79 -7.24 -3.34 -17.74
N THR A 80 -8.45 -3.02 -18.21
CA THR A 80 -8.68 -2.13 -19.38
C THR A 80 -7.95 -0.78 -19.13
N LEU A 81 -8.21 -0.18 -17.98
CA LEU A 81 -7.56 1.07 -17.52
C LEU A 81 -6.04 0.92 -17.51
N LEU A 82 -5.53 -0.10 -16.82
CA LEU A 82 -4.08 -0.36 -16.71
C LEU A 82 -3.48 -0.51 -18.13
N ARG A 83 -4.18 -1.24 -19.01
CA ARG A 83 -3.70 -1.49 -20.39
C ARG A 83 -3.65 -0.16 -21.15
N TYR A 84 -4.68 0.68 -21.02
CA TYR A 84 -4.67 2.01 -21.67
C TYR A 84 -3.44 2.80 -21.19
N TYR A 85 -3.15 2.81 -19.89
CA TYR A 85 -1.98 3.55 -19.32
C TYR A 85 -0.69 3.01 -19.95
N ASP A 86 -0.52 1.70 -20.00
CA ASP A 86 0.67 1.05 -20.63
C ASP A 86 0.77 1.51 -22.09
N GLN A 87 -0.31 1.38 -22.84
CA GLN A 87 -0.32 1.70 -24.29
C GLN A 87 0.07 3.18 -24.51
N ILE A 88 -0.44 4.14 -23.73
CA ILE A 88 -0.08 5.58 -24.02
C ILE A 88 1.35 5.84 -23.57
N CYS A 89 1.84 5.15 -22.54
CA CYS A 89 3.29 5.21 -22.18
C CYS A 89 4.14 4.66 -23.35
N SER A 90 3.69 3.61 -24.01
CA SER A 90 4.48 2.92 -25.06
C SER A 90 4.61 3.78 -26.34
N ILE A 91 3.64 4.62 -26.69
CA ILE A 91 3.65 5.34 -28.00
C ILE A 91 4.31 6.71 -27.85
N GLU A 92 4.57 7.16 -26.63
CA GLU A 92 5.16 8.50 -26.37
C GLU A 92 6.40 8.70 -27.23
N PRO A 93 7.42 7.81 -27.21
CA PRO A 93 8.60 7.98 -28.08
C PRO A 93 8.31 7.90 -29.59
N LYS A 94 7.43 7.00 -30.02
CA LYS A 94 7.14 6.69 -31.45
C LYS A 94 6.37 7.81 -32.16
N PHE A 95 5.85 8.83 -31.47
CA PHE A 95 5.22 10.01 -32.13
C PHE A 95 5.84 11.29 -31.57
N PRO A 96 6.00 12.35 -32.37
CA PRO A 96 6.62 13.60 -31.91
C PRO A 96 5.69 14.39 -30.99
N PHE A 97 5.34 13.80 -29.85
CA PHE A 97 4.55 14.49 -28.78
C PHE A 97 5.43 15.61 -28.23
N SER A 98 6.72 15.29 -28.03
CA SER A 98 7.83 16.15 -27.51
C SER A 98 7.93 17.47 -28.29
N GLU A 99 7.92 17.39 -29.63
CA GLU A 99 8.04 18.55 -30.56
C GLU A 99 6.64 19.11 -30.86
N ASN A 100 5.64 18.82 -30.02
CA ASN A 100 4.34 19.54 -30.03
C ASN A 100 3.75 19.52 -31.45
N GLN A 101 3.97 18.43 -32.20
CA GLN A 101 3.58 18.34 -33.64
C GLN A 101 2.39 17.40 -33.82
N ILE A 102 1.81 16.90 -32.73
CA ILE A 102 0.55 16.09 -32.73
C ILE A 102 -0.54 16.94 -32.05
N CYS A 103 -1.50 17.40 -32.85
CA CYS A 103 -2.65 18.27 -32.47
C CYS A 103 -3.65 17.40 -31.68
N LEU A 104 -3.39 17.23 -30.38
CA LEU A 104 -4.23 16.41 -29.46
C LEU A 104 -4.44 17.16 -28.15
N THR A 105 -5.69 17.53 -27.88
CA THR A 105 -6.14 18.15 -26.62
C THR A 105 -6.95 17.13 -25.83
N PHE A 106 -6.57 16.88 -24.58
CA PHE A 106 -7.33 16.06 -23.61
C PHE A 106 -7.98 16.99 -22.58
N THR A 107 -9.29 16.80 -22.37
CA THR A 107 -10.13 17.59 -21.42
C THR A 107 -10.61 16.71 -20.26
N TRP A 108 -10.19 17.05 -19.04
CA TRP A 108 -10.43 16.26 -17.81
C TRP A 108 -11.08 17.13 -16.74
N LYS A 109 -11.94 16.51 -15.94
CA LYS A 109 -12.74 17.17 -14.89
C LYS A 109 -12.19 16.69 -13.53
N ASP A 110 -11.95 17.65 -12.63
CA ASP A 110 -11.53 17.40 -11.22
C ASP A 110 -12.38 16.27 -10.63
N ALA A 111 -11.74 15.35 -9.90
CA ALA A 111 -12.39 14.19 -9.24
C ALA A 111 -13.34 14.68 -8.13
N PHE A 112 -12.99 15.80 -7.51
CA PHE A 112 -13.61 16.30 -6.26
C PHE A 112 -14.62 17.41 -6.63
N ASP A 113 -15.81 16.95 -7.09
CA ASP A 113 -16.93 17.76 -7.64
C ASP A 113 -17.77 18.34 -6.49
N LYS A 114 -17.29 19.43 -5.89
CA LYS A 114 -17.81 20.03 -4.63
C LYS A 114 -17.79 21.56 -4.76
N GLY A 115 -18.56 22.25 -3.89
CA GLY A 115 -18.44 23.70 -3.61
C GLY A 115 -19.40 24.54 -4.44
N SER A 116 -18.89 25.65 -4.99
CA SER A 116 -19.67 26.66 -5.76
C SER A 116 -19.65 26.31 -7.26
N LEU A 117 -18.49 25.91 -7.79
CA LEU A 117 -18.14 25.75 -9.24
C LEU A 117 -17.07 26.79 -9.61
N PHE A 118 -16.98 27.88 -8.82
CA PHE A 118 -16.19 29.11 -9.11
C PHE A 118 -14.71 28.81 -9.33
N GLY A 119 -14.04 29.72 -10.04
CA GLY A 119 -12.61 29.62 -10.44
C GLY A 119 -12.46 29.52 -11.95
N GLY A 120 -13.00 28.44 -12.55
CA GLY A 120 -12.90 28.14 -13.98
C GLY A 120 -12.16 26.84 -14.26
N SER A 121 -11.67 26.15 -13.21
CA SER A 121 -10.97 24.84 -13.29
C SER A 121 -11.75 23.78 -12.47
N VAL A 122 -13.00 23.54 -12.86
CA VAL A 122 -13.69 22.22 -12.77
C VAL A 122 -13.13 21.37 -13.92
N LYS A 123 -13.25 21.81 -15.19
CA LYS A 123 -12.66 21.15 -16.39
C LYS A 123 -11.36 21.83 -16.86
N LEU A 124 -10.35 21.07 -17.23
CA LEU A 124 -9.06 21.57 -17.80
C LEU A 124 -8.68 20.79 -19.07
N ALA A 125 -8.45 21.53 -20.17
CA ALA A 125 -8.05 21.01 -21.49
C ALA A 125 -6.58 21.35 -21.73
N LEU A 126 -5.76 20.34 -22.04
CA LEU A 126 -4.33 20.54 -22.39
C LEU A 126 -3.96 19.55 -23.49
N ALA A 127 -3.23 20.09 -24.48
CA ALA A 127 -2.57 19.35 -25.58
C ALA A 127 -1.27 18.81 -25.01
N SER A 128 -1.37 17.75 -24.22
CA SER A 128 -0.26 17.19 -23.41
C SER A 128 -0.54 15.71 -23.10
N LEU A 129 0.33 14.84 -23.61
CA LEU A 129 0.31 13.39 -23.33
C LEU A 129 0.67 13.14 -21.84
N GLY A 130 1.58 13.92 -21.25
CA GLY A 130 1.91 13.93 -19.82
C GLY A 130 0.68 14.16 -18.95
N TYR A 131 -0.16 15.14 -19.29
CA TYR A 131 -1.45 15.41 -18.60
C TYR A 131 -2.31 14.15 -18.68
N GLU A 132 -2.48 13.60 -19.89
CA GLU A 132 -3.32 12.41 -20.15
C GLU A 132 -2.82 11.26 -19.27
N LYS A 133 -1.51 11.08 -19.18
CA LYS A 133 -0.83 10.01 -18.41
C LYS A 133 -1.19 10.13 -16.92
N SER A 134 -1.07 11.32 -16.37
CA SER A 134 -1.35 11.61 -14.95
C SER A 134 -2.83 11.31 -14.61
N CYS A 135 -3.77 11.75 -15.43
CA CYS A 135 -5.22 11.58 -15.19
C CYS A 135 -5.59 10.11 -15.31
N VAL A 136 -5.01 9.41 -16.29
CA VAL A 136 -5.29 7.96 -16.50
C VAL A 136 -4.79 7.18 -15.28
N LEU A 137 -3.56 7.44 -14.84
CA LEU A 137 -2.95 6.78 -13.66
C LEU A 137 -3.80 7.13 -12.43
N PHE A 138 -4.24 8.38 -12.30
CA PHE A 138 -5.18 8.76 -11.21
C PHE A 138 -6.38 7.80 -11.26
N ASN A 139 -6.98 7.61 -12.45
CA ASN A 139 -8.18 6.74 -12.57
C ASN A 139 -7.83 5.30 -12.20
N CYS A 140 -6.66 4.81 -12.57
CA CYS A 140 -6.17 3.46 -12.14
C CYS A 140 -6.15 3.38 -10.61
N ALA A 141 -5.53 4.35 -9.95
CA ALA A 141 -5.46 4.43 -8.48
C ALA A 141 -6.88 4.43 -7.89
N ALA A 142 -7.76 5.26 -8.46
CA ALA A 142 -9.12 5.51 -7.93
C ALA A 142 -9.93 4.20 -8.00
N LEU A 143 -9.93 3.55 -9.16
CA LEU A 143 -10.71 2.30 -9.35
C LEU A 143 -10.14 1.20 -8.44
N ALA A 144 -8.81 1.10 -8.34
CA ALA A 144 -8.14 0.23 -7.34
C ALA A 144 -8.67 0.53 -5.94
N SER A 145 -8.76 1.80 -5.53
CA SER A 145 -9.25 2.14 -4.17
C SER A 145 -10.71 1.67 -4.01
N GLN A 146 -11.51 1.72 -5.07
CA GLN A 146 -12.96 1.36 -5.05
C GLN A 146 -13.11 -0.17 -4.98
N ILE A 147 -12.36 -0.90 -5.79
CA ILE A 147 -12.37 -2.39 -5.77
C ILE A 147 -11.93 -2.86 -4.37
N ALA A 148 -10.89 -2.23 -3.82
CA ALA A 148 -10.40 -2.57 -2.45
C ALA A 148 -11.52 -2.32 -1.43
N ALA A 149 -12.23 -1.19 -1.50
CA ALA A 149 -13.24 -0.79 -0.49
C ALA A 149 -14.53 -1.63 -0.64
N GLU A 150 -14.81 -2.24 -1.80
CA GLU A 150 -15.93 -3.20 -2.02
C GLU A 150 -15.66 -4.55 -1.35
N GLN A 151 -14.43 -4.81 -0.90
CA GLN A 151 -14.04 -6.20 -0.56
C GLN A 151 -14.68 -6.60 0.77
N ASN A 152 -15.09 -7.85 0.84
CA ASN A 152 -15.57 -8.44 2.12
C ASN A 152 -14.33 -8.80 2.95
N LEU A 153 -14.04 -7.98 3.95
CA LEU A 153 -12.87 -8.10 4.86
C LEU A 153 -13.11 -9.16 5.93
N ASP A 154 -14.28 -9.82 5.92
CA ASP A 154 -14.54 -11.00 6.76
C ASP A 154 -14.28 -12.25 5.91
N ASN A 155 -13.66 -12.10 4.74
CA ASN A 155 -13.26 -13.20 3.83
C ASN A 155 -11.79 -13.01 3.49
N ASP A 156 -11.03 -14.11 3.49
CA ASP A 156 -9.56 -14.11 3.43
C ASP A 156 -9.13 -13.57 2.06
N GLU A 157 -9.80 -13.97 0.98
CA GLU A 157 -9.45 -13.50 -0.39
C GLU A 157 -9.80 -12.01 -0.54
N GLY A 158 -10.86 -11.53 0.13
CA GLY A 158 -11.21 -10.09 0.13
C GLY A 158 -10.09 -9.25 0.72
N LEU A 159 -9.53 -9.72 1.83
CA LEU A 159 -8.40 -9.08 2.52
C LEU A 159 -7.20 -9.06 1.56
N LYS A 160 -6.93 -10.15 0.83
CA LYS A 160 -5.74 -10.25 -0.03
C LYS A 160 -5.87 -9.18 -1.12
N ILE A 161 -7.02 -9.15 -1.79
CA ILE A 161 -7.33 -8.19 -2.89
C ILE A 161 -7.22 -6.75 -2.36
N ALA A 162 -7.77 -6.49 -1.19
CA ALA A 162 -7.80 -5.14 -0.59
C ALA A 162 -6.37 -4.64 -0.35
N ALA A 163 -5.52 -5.49 0.26
CA ALA A 163 -4.09 -5.21 0.53
C ALA A 163 -3.37 -4.90 -0.78
N LYS A 164 -3.51 -5.75 -1.81
CA LYS A 164 -2.86 -5.51 -3.12
C LYS A 164 -3.32 -4.17 -3.71
N HIS A 165 -4.63 -3.94 -3.78
CA HIS A 165 -5.23 -2.74 -4.44
C HIS A 165 -4.94 -1.45 -3.65
N TYR A 166 -4.96 -1.46 -2.32
CA TYR A 166 -4.58 -0.24 -1.58
C TYR A 166 -3.11 0.11 -1.85
N GLN A 167 -2.21 -0.87 -1.89
CA GLN A 167 -0.75 -0.60 -2.05
C GLN A 167 -0.50 -0.12 -3.49
N PHE A 168 -1.18 -0.74 -4.47
CA PHE A 168 -1.18 -0.23 -5.86
C PHE A 168 -1.62 1.24 -5.89
N ALA A 169 -2.78 1.54 -5.29
CA ALA A 169 -3.37 2.90 -5.35
C ALA A 169 -2.38 3.88 -4.73
N SER A 170 -1.77 3.47 -3.62
CA SER A 170 -0.80 4.30 -2.85
C SER A 170 0.36 4.70 -3.75
N GLY A 171 0.97 3.71 -4.40
CA GLY A 171 2.13 3.90 -5.29
C GLY A 171 1.75 4.63 -6.57
N ALA A 172 0.58 4.37 -7.14
CA ALA A 172 0.10 5.09 -8.34
C ALA A 172 -0.09 6.58 -7.98
N PHE A 173 -0.68 6.90 -6.83
CA PHE A 173 -0.93 8.30 -6.39
C PHE A 173 0.42 9.00 -6.13
N LEU A 174 1.40 8.27 -5.57
CA LEU A 174 2.77 8.78 -5.30
C LEU A 174 3.48 9.09 -6.61
N HIS A 175 3.41 8.18 -7.59
CA HIS A 175 4.05 8.36 -8.93
C HIS A 175 3.54 9.68 -9.51
N ILE A 176 2.24 9.92 -9.42
CA ILE A 176 1.60 11.16 -9.96
C ILE A 176 2.22 12.33 -9.20
N LYS A 177 2.36 12.22 -7.87
CA LYS A 177 2.93 13.31 -7.02
C LYS A 177 4.36 13.62 -7.48
N GLU A 178 5.15 12.61 -7.82
CA GLU A 178 6.59 12.78 -8.19
C GLU A 178 6.76 13.26 -9.65
N THR A 179 5.74 13.24 -10.50
CA THR A 179 5.89 13.39 -11.98
C THR A 179 4.90 14.36 -12.61
N VAL A 180 3.87 14.83 -11.89
CA VAL A 180 2.68 15.49 -12.51
C VAL A 180 3.11 16.88 -13.04
N LEU A 181 3.85 17.67 -12.25
CA LEU A 181 4.26 19.06 -12.59
C LEU A 181 5.08 19.08 -13.89
N SER A 182 6.05 18.16 -14.06
CA SER A 182 6.84 17.99 -15.32
C SER A 182 5.93 17.57 -16.48
N ALA A 183 6.16 18.17 -17.65
CA ALA A 183 5.32 17.98 -18.86
C ALA A 183 3.86 18.25 -18.49
N LEU A 184 3.59 19.35 -17.76
CA LEU A 184 2.21 19.86 -17.54
C LEU A 184 2.11 21.36 -17.87
N SER A 185 3.21 22.11 -17.90
CA SER A 185 3.23 23.53 -18.34
C SER A 185 2.56 24.44 -17.31
N ARG A 186 1.21 24.49 -17.25
CA ARG A 186 0.45 25.35 -16.30
C ARG A 186 0.05 24.53 -15.06
N GLU A 187 -0.66 25.14 -14.10
CA GLU A 187 -1.06 24.49 -12.82
C GLU A 187 -2.10 23.41 -13.07
N PRO A 188 -1.96 22.21 -12.45
CA PRO A 188 -2.96 21.15 -12.58
C PRO A 188 -4.29 21.53 -11.91
N THR A 189 -5.38 20.80 -12.18
CA THR A 189 -6.58 20.73 -11.30
C THR A 189 -6.11 20.29 -9.92
N VAL A 190 -6.92 20.48 -8.88
CA VAL A 190 -6.46 20.31 -7.46
C VAL A 190 -6.25 18.82 -7.21
N ASP A 191 -7.18 17.99 -7.70
CA ASP A 191 -7.19 16.51 -7.50
C ASP A 191 -5.81 15.91 -7.75
N ILE A 192 -5.15 16.26 -8.86
CA ILE A 192 -3.88 15.60 -9.29
C ILE A 192 -2.66 16.42 -8.83
N SER A 193 -2.89 17.56 -8.19
CA SER A 193 -1.83 18.39 -7.55
C SER A 193 -0.99 17.52 -6.64
N PRO A 194 0.34 17.74 -6.56
CA PRO A 194 1.22 16.94 -5.71
C PRO A 194 0.82 16.77 -4.23
N ASP A 195 0.19 17.79 -3.64
CA ASP A 195 -0.24 17.71 -2.22
C ASP A 195 -1.47 16.80 -2.16
N THR A 196 -2.39 16.93 -3.10
CA THR A 196 -3.65 16.15 -3.05
C THR A 196 -3.28 14.68 -3.21
N VAL A 197 -2.46 14.33 -4.21
CA VAL A 197 -2.21 12.89 -4.50
C VAL A 197 -1.27 12.36 -3.43
N GLY A 198 -0.49 13.22 -2.79
CA GLY A 198 0.46 12.81 -1.74
C GLY A 198 -0.34 12.29 -0.56
N THR A 199 -1.35 13.05 -0.18
CA THR A 199 -2.27 12.72 0.94
C THR A 199 -3.02 11.45 0.57
N LEU A 200 -3.54 11.37 -0.67
CA LEU A 200 -4.28 10.17 -1.13
C LEU A 200 -3.35 8.94 -1.02
N SER A 201 -2.09 9.09 -1.43
CA SER A 201 -1.07 8.01 -1.35
C SER A 201 -0.99 7.47 0.07
N LEU A 202 -0.93 8.39 1.03
CA LEU A 202 -0.70 8.02 2.44
C LEU A 202 -1.98 7.32 2.95
N ILE A 203 -3.13 7.84 2.56
CA ILE A 203 -4.43 7.29 3.02
C ILE A 203 -4.49 5.83 2.58
N MET A 204 -4.10 5.54 1.35
CA MET A 204 -4.19 4.19 0.77
C MET A 204 -3.19 3.29 1.52
N LEU A 205 -2.05 3.83 1.92
CA LEU A 205 -1.01 3.00 2.58
C LEU A 205 -1.50 2.57 3.96
N ALA A 206 -2.10 3.54 4.67
CA ALA A 206 -2.77 3.39 5.98
C ALA A 206 -3.86 2.32 5.90
N GLN A 207 -4.68 2.34 4.83
CA GLN A 207 -5.77 1.36 4.68
C GLN A 207 -5.14 -0.01 4.38
N ALA A 208 -4.03 -0.03 3.65
CA ALA A 208 -3.32 -1.28 3.30
C ALA A 208 -2.83 -1.92 4.61
N GLN A 209 -2.24 -1.11 5.48
CA GLN A 209 -1.72 -1.56 6.78
C GLN A 209 -2.88 -1.99 7.67
N GLU A 210 -4.03 -1.34 7.54
CA GLU A 210 -5.23 -1.71 8.33
C GLU A 210 -5.65 -3.11 7.87
N VAL A 211 -5.57 -3.40 6.58
CA VAL A 211 -5.98 -4.72 6.06
C VAL A 211 -5.10 -5.81 6.70
N PHE A 212 -3.80 -5.58 6.82
CA PHE A 212 -2.87 -6.57 7.41
C PHE A 212 -3.22 -6.75 8.88
N PHE A 213 -3.54 -5.67 9.58
CA PHE A 213 -4.03 -5.75 10.97
C PHE A 213 -5.32 -6.60 11.02
N LEU A 214 -6.26 -6.45 10.09
CA LEU A 214 -7.53 -7.23 10.06
C LEU A 214 -7.26 -8.69 9.69
N LYS A 215 -6.24 -8.98 8.90
CA LYS A 215 -5.87 -10.36 8.49
C LYS A 215 -5.32 -11.08 9.72
N ALA A 216 -4.54 -10.37 10.50
CA ALA A 216 -3.83 -10.88 11.69
C ALA A 216 -4.88 -11.16 12.76
N THR A 217 -5.81 -10.23 12.93
CA THR A 217 -7.01 -10.35 13.80
C THR A 217 -7.83 -11.56 13.36
N ARG A 218 -8.18 -11.67 12.10
CA ARG A 218 -9.05 -12.75 11.61
C ARG A 218 -8.35 -14.10 11.91
N ASP A 219 -7.04 -14.19 11.71
CA ASP A 219 -6.24 -15.44 11.92
C ASP A 219 -5.95 -15.70 13.40
N LYS A 220 -6.31 -14.82 14.34
CA LYS A 220 -6.01 -15.04 15.79
C LYS A 220 -4.52 -15.33 15.93
N MET A 221 -3.70 -14.44 15.36
CA MET A 221 -2.23 -14.39 15.54
C MET A 221 -1.94 -13.79 16.91
N LYS A 222 -0.68 -13.81 17.31
CA LYS A 222 -0.25 -13.43 18.68
C LYS A 222 -0.56 -11.95 18.86
N ASP A 223 -0.91 -11.56 20.08
CA ASP A 223 -1.31 -10.19 20.43
C ASP A 223 -0.15 -9.22 20.16
N ALA A 224 1.07 -9.72 20.18
CA ALA A 224 2.28 -8.88 20.16
C ALA A 224 2.40 -8.26 18.77
N ILE A 225 2.23 -9.08 17.74
CA ILE A 225 2.31 -8.65 16.32
C ILE A 225 1.06 -7.80 16.02
N ILE A 226 -0.13 -8.16 16.53
CA ILE A 226 -1.38 -7.41 16.23
C ILE A 226 -1.22 -5.98 16.74
N ALA A 227 -0.71 -5.82 17.95
CA ALA A 227 -0.45 -4.51 18.58
C ALA A 227 0.47 -3.72 17.67
N LYS A 228 1.44 -4.38 17.07
CA LYS A 228 2.53 -3.70 16.32
C LYS A 228 2.00 -3.29 14.95
N LEU A 229 1.20 -4.16 14.32
CA LEU A 229 0.49 -3.89 13.04
C LEU A 229 -0.44 -2.70 13.23
N ALA A 230 -1.23 -2.67 14.31
CA ALA A 230 -2.20 -1.59 14.62
C ALA A 230 -1.44 -0.28 14.88
N ASN A 231 -0.28 -0.38 15.53
CA ASN A 231 0.50 0.80 15.94
C ASN A 231 1.13 1.44 14.70
N GLN A 232 1.57 0.63 13.74
CA GLN A 232 2.09 1.15 12.44
C GLN A 232 0.94 1.84 11.69
N ALA A 233 -0.26 1.27 11.73
CA ALA A 233 -1.46 1.84 11.07
C ALA A 233 -1.77 3.21 11.68
N ALA A 234 -1.64 3.34 13.00
CA ALA A 234 -1.87 4.60 13.74
C ALA A 234 -0.96 5.70 13.15
N ASP A 235 0.32 5.39 12.91
CA ASP A 235 1.30 6.37 12.37
C ASP A 235 0.80 6.86 11.00
N TYR A 236 0.51 5.93 10.11
CA TYR A 236 0.06 6.19 8.73
C TYR A 236 -1.19 7.06 8.80
N PHE A 237 -2.21 6.66 9.55
CA PHE A 237 -3.49 7.42 9.63
C PHE A 237 -3.21 8.79 10.25
N GLY A 238 -2.34 8.85 11.26
CA GLY A 238 -1.93 10.11 11.92
C GLY A 238 -1.28 11.09 10.94
N ASP A 239 -0.40 10.60 10.06
CA ASP A 239 0.32 11.43 9.08
C ASP A 239 -0.68 11.88 8.01
N ALA A 240 -1.52 11.00 7.49
CA ALA A 240 -2.58 11.35 6.51
C ALA A 240 -3.44 12.47 7.09
N PHE A 241 -3.90 12.29 8.32
CA PHE A 241 -4.77 13.27 9.03
C PHE A 241 -4.06 14.63 9.19
N LYS A 242 -2.77 14.65 9.54
CA LYS A 242 -1.98 15.90 9.74
C LYS A 242 -1.94 16.64 8.41
N GLN A 243 -1.58 15.95 7.33
CA GLN A 243 -1.49 16.51 5.95
C GLN A 243 -2.86 17.06 5.53
N CYS A 244 -3.94 16.33 5.77
CA CYS A 244 -5.31 16.66 5.28
C CYS A 244 -5.93 17.78 6.16
N GLN A 245 -5.31 18.14 7.27
CA GLN A 245 -5.77 19.29 8.09
C GLN A 245 -5.32 20.63 7.48
N TYR A 246 -4.04 20.71 7.11
CA TYR A 246 -3.33 21.91 6.59
C TYR A 246 -4.18 22.64 5.56
N LYS A 247 -4.61 21.94 4.50
CA LYS A 247 -4.99 22.55 3.20
C LYS A 247 -6.27 21.93 2.66
N ASP A 248 -7.12 21.33 3.52
CA ASP A 248 -8.11 20.29 3.12
C ASP A 248 -8.78 20.65 1.78
N THR A 249 -8.49 19.83 0.76
CA THR A 249 -9.04 19.90 -0.63
C THR A 249 -10.00 18.73 -0.85
N LEU A 250 -9.95 17.70 0.00
CA LEU A 250 -10.65 16.39 -0.22
C LEU A 250 -12.10 16.45 0.25
N PRO A 251 -12.92 15.44 -0.11
CA PRO A 251 -14.31 15.39 0.33
C PRO A 251 -14.42 15.43 1.85
N LYS A 252 -15.53 15.99 2.36
CA LYS A 252 -15.65 16.41 3.78
C LYS A 252 -15.56 15.20 4.71
N GLU A 253 -15.90 13.98 4.26
CA GLU A 253 -15.87 12.76 5.12
C GLU A 253 -14.41 12.35 5.43
N VAL A 254 -13.42 12.76 4.65
CA VAL A 254 -12.04 12.24 4.79
C VAL A 254 -11.46 12.65 6.15
N PHE A 255 -11.51 13.91 6.50
CA PHE A 255 -10.96 14.44 7.78
C PHE A 255 -11.50 13.66 8.98
N PRO A 256 -12.83 13.53 9.20
CA PRO A 256 -13.32 12.77 10.33
C PRO A 256 -13.03 11.25 10.30
N VAL A 257 -13.05 10.60 9.13
CA VAL A 257 -12.68 9.16 9.02
C VAL A 257 -11.20 8.97 9.41
N LEU A 258 -10.29 9.81 8.92
CA LEU A 258 -8.84 9.65 9.24
C LEU A 258 -8.60 9.88 10.75
N ALA A 259 -9.22 10.93 11.32
CA ALA A 259 -9.20 11.24 12.76
C ALA A 259 -9.68 10.02 13.57
N ALA A 260 -10.84 9.47 13.20
CA ALA A 260 -11.44 8.26 13.80
C ALA A 260 -10.44 7.08 13.73
N LYS A 261 -9.95 6.75 12.53
CA LYS A 261 -9.08 5.57 12.31
C LYS A 261 -7.75 5.80 13.05
N HIS A 262 -7.28 7.05 13.15
CA HIS A 262 -6.04 7.35 13.89
C HIS A 262 -6.18 6.88 15.35
N CYS A 263 -7.27 7.31 16.00
CA CYS A 263 -7.62 7.04 17.42
C CYS A 263 -7.96 5.55 17.60
N ILE A 264 -8.73 4.97 16.67
CA ILE A 264 -9.18 3.55 16.70
C ILE A 264 -7.93 2.67 16.66
N MET A 265 -6.97 3.00 15.81
CA MET A 265 -5.79 2.13 15.63
C MET A 265 -4.86 2.26 16.84
N GLN A 266 -4.75 3.43 17.45
CA GLN A 266 -3.98 3.59 18.72
C GLN A 266 -4.62 2.75 19.85
N ALA A 267 -5.95 2.74 19.90
CA ALA A 267 -6.75 1.96 20.85
C ALA A 267 -6.51 0.46 20.64
N ASN A 268 -6.47 0.02 19.38
CA ASN A 268 -6.27 -1.40 19.03
C ASN A 268 -4.88 -1.81 19.52
N ALA A 269 -3.89 -0.95 19.28
CA ALA A 269 -2.49 -1.18 19.67
C ALA A 269 -2.44 -1.37 21.20
N GLU A 270 -3.04 -0.45 21.94
CA GLU A 270 -3.12 -0.50 23.43
C GLU A 270 -3.95 -1.70 23.88
N TYR A 271 -5.07 -1.99 23.23
CA TYR A 271 -5.90 -3.16 23.63
C TYR A 271 -5.01 -4.39 23.55
N HIS A 272 -4.41 -4.70 22.39
CA HIS A 272 -3.66 -5.97 22.22
C HIS A 272 -2.39 -5.98 23.08
N GLN A 273 -1.73 -4.84 23.27
CA GLN A 273 -0.55 -4.76 24.16
C GLN A 273 -1.01 -5.13 25.59
N SER A 274 -2.16 -4.60 26.02
CA SER A 274 -2.79 -4.89 27.34
C SER A 274 -2.92 -6.39 27.54
N ILE A 275 -3.34 -7.15 26.52
CA ILE A 275 -3.48 -8.63 26.65
C ILE A 275 -2.10 -9.25 26.92
N LEU A 276 -1.05 -8.79 26.24
CA LEU A 276 0.34 -9.29 26.45
C LEU A 276 0.80 -8.93 27.88
N ALA A 277 0.51 -7.71 28.34
CA ALA A 277 0.84 -7.29 29.71
C ALA A 277 0.16 -8.25 30.71
N LYS A 278 -1.11 -8.59 30.49
CA LYS A 278 -1.86 -9.57 31.34
C LYS A 278 -1.11 -10.91 31.35
N GLN A 279 -0.89 -11.54 30.19
CA GLN A 279 -0.22 -12.85 30.04
C GLN A 279 1.14 -12.85 30.76
N GLN A 280 1.83 -11.70 30.76
CA GLN A 280 3.17 -11.52 31.39
C GLN A 280 3.00 -11.09 32.86
N LYS A 281 1.76 -11.00 33.35
CA LYS A 281 1.46 -10.78 34.79
C LYS A 281 1.87 -9.37 35.16
N LYS A 282 1.88 -8.45 34.20
CA LYS A 282 2.08 -7.01 34.46
C LYS A 282 0.70 -6.34 34.58
N PHE A 283 0.00 -6.59 35.70
CA PHE A 283 -1.46 -6.32 35.84
C PHE A 283 -1.70 -4.80 35.82
N GLY A 284 -0.76 -4.02 36.33
CA GLY A 284 -0.85 -2.55 36.37
C GLY A 284 -0.80 -1.95 34.98
N GLU A 285 0.12 -2.44 34.15
CA GLU A 285 0.31 -1.98 32.75
C GLU A 285 -0.98 -2.32 31.98
N GLU A 286 -1.52 -3.54 32.12
CA GLU A 286 -2.79 -3.94 31.46
C GLU A 286 -3.81 -2.81 31.69
N ILE A 287 -4.01 -2.40 32.93
CA ILE A 287 -5.08 -1.43 33.30
C ILE A 287 -4.71 -0.06 32.70
N ALA A 288 -3.45 0.35 32.83
CA ALA A 288 -2.89 1.58 32.23
C ALA A 288 -3.23 1.64 30.74
N ARG A 289 -3.02 0.54 30.01
CA ARG A 289 -3.17 0.54 28.55
C ARG A 289 -4.67 0.49 28.21
N LEU A 290 -5.45 -0.30 28.94
CA LEU A 290 -6.91 -0.42 28.75
C LEU A 290 -7.57 0.93 29.01
N GLN A 291 -7.11 1.68 30.01
CA GLN A 291 -7.61 3.06 30.30
C GLN A 291 -7.33 3.99 29.12
N HIS A 292 -6.15 3.90 28.51
CA HIS A 292 -5.78 4.72 27.32
C HIS A 292 -6.71 4.35 26.18
N ALA A 293 -6.84 3.05 25.90
CA ALA A 293 -7.72 2.52 24.83
C ALA A 293 -9.10 3.17 25.00
N ALA A 294 -9.63 3.11 26.21
CA ALA A 294 -10.99 3.58 26.53
C ALA A 294 -11.11 5.08 26.26
N GLU A 295 -10.13 5.89 26.68
CA GLU A 295 -10.26 7.36 26.51
C GLU A 295 -10.16 7.67 25.01
N LEU A 296 -9.31 6.96 24.26
CA LEU A 296 -9.22 7.14 22.79
C LEU A 296 -10.59 6.82 22.18
N ILE A 297 -11.27 5.77 22.63
CA ILE A 297 -12.52 5.32 21.98
C ILE A 297 -13.65 6.23 22.46
N LYS A 298 -13.41 7.03 23.51
CA LYS A 298 -14.44 7.94 24.05
C LYS A 298 -14.51 9.18 23.15
N THR A 299 -13.32 9.71 22.80
CA THR A 299 -13.11 10.76 21.78
C THR A 299 -13.84 10.37 20.49
N VAL A 300 -13.58 9.17 19.97
CA VAL A 300 -14.15 8.72 18.66
C VAL A 300 -15.68 8.72 18.74
N ALA A 301 -16.27 7.94 19.65
CA ALA A 301 -17.74 7.88 19.93
C ALA A 301 -18.33 9.28 20.02
N SER A 302 -17.66 10.17 20.75
CA SER A 302 -18.08 11.56 21.07
C SER A 302 -18.14 12.45 19.82
N ARG A 303 -17.12 12.37 18.93
CA ARG A 303 -16.86 13.37 17.84
C ARG A 303 -17.13 12.83 16.44
N TYR A 304 -17.01 11.51 16.23
CA TYR A 304 -16.98 10.86 14.89
C TYR A 304 -18.10 9.82 14.85
N ASP A 305 -19.17 10.13 15.58
CA ASP A 305 -20.43 9.33 15.71
C ASP A 305 -21.01 9.06 14.31
N GLU A 306 -20.98 10.06 13.42
CA GLU A 306 -21.61 9.99 12.08
C GLU A 306 -20.85 8.99 11.17
N TYR A 307 -19.53 8.85 11.34
CA TYR A 307 -18.63 8.28 10.29
C TYR A 307 -18.11 6.88 10.63
N VAL A 308 -18.09 6.50 11.92
CA VAL A 308 -17.61 5.16 12.36
C VAL A 308 -18.45 4.68 13.55
N ASN A 309 -18.70 3.38 13.66
CA ASN A 309 -19.45 2.76 14.79
C ASN A 309 -18.50 1.94 15.66
N VAL A 310 -18.18 2.43 16.87
CA VAL A 310 -17.16 1.83 17.79
C VAL A 310 -17.82 1.19 19.02
N LYS A 311 -19.07 0.75 18.94
CA LYS A 311 -19.84 0.24 20.11
C LYS A 311 -19.24 -1.06 20.65
N ASP A 312 -19.02 -2.06 19.79
CA ASP A 312 -18.60 -3.43 20.19
C ASP A 312 -17.20 -3.34 20.78
N PHE A 313 -16.34 -2.58 20.14
CA PHE A 313 -14.97 -2.30 20.63
C PHE A 313 -15.04 -1.65 22.00
N SER A 314 -15.88 -0.62 22.18
CA SER A 314 -15.98 0.17 23.42
C SER A 314 -16.41 -0.74 24.59
N ASP A 315 -17.27 -1.73 24.32
CA ASP A 315 -17.81 -2.66 25.33
C ASP A 315 -16.68 -3.62 25.73
N LYS A 316 -16.01 -4.21 24.74
CA LYS A 316 -14.89 -5.17 24.93
C LYS A 316 -13.87 -4.54 25.89
N ILE A 317 -13.46 -3.31 25.59
CA ILE A 317 -12.45 -2.58 26.40
C ILE A 317 -12.96 -2.49 27.83
N ASN A 318 -14.23 -2.10 28.01
CA ASN A 318 -14.80 -1.77 29.34
C ASN A 318 -14.98 -3.05 30.16
N ARG A 319 -15.36 -4.17 29.53
CA ARG A 319 -15.38 -5.51 30.18
C ARG A 319 -13.95 -5.81 30.68
N ALA A 320 -12.97 -5.75 29.78
CA ALA A 320 -11.57 -6.13 30.09
C ALA A 320 -11.06 -5.24 31.23
N LEU A 321 -11.38 -3.95 31.21
CA LEU A 321 -10.96 -2.96 32.25
C LEU A 321 -11.61 -3.27 33.60
N ALA A 322 -12.92 -3.55 33.62
CA ALA A 322 -13.67 -3.86 34.86
C ALA A 322 -13.02 -5.09 35.52
N ALA A 323 -12.92 -6.19 34.77
CA ALA A 323 -12.39 -7.49 35.24
C ALA A 323 -10.93 -7.31 35.70
N ALA A 324 -10.14 -6.50 34.99
CA ALA A 324 -8.72 -6.24 35.35
C ALA A 324 -8.64 -5.54 36.70
N LYS A 325 -9.48 -4.54 36.92
CA LYS A 325 -9.42 -3.72 38.15
C LYS A 325 -9.90 -4.52 39.36
N LYS A 326 -10.88 -5.41 39.20
CA LYS A 326 -11.40 -6.26 40.33
C LYS A 326 -10.28 -7.19 40.79
N ASP A 327 -9.73 -8.00 39.87
CA ASP A 327 -8.58 -8.92 40.10
C ASP A 327 -7.42 -8.13 40.75
N ASN A 328 -7.16 -6.91 40.32
CA ASN A 328 -5.93 -6.17 40.75
C ASN A 328 -6.16 -5.62 42.16
N ASP A 329 -7.36 -5.08 42.41
CA ASP A 329 -7.79 -4.51 43.71
C ASP A 329 -7.83 -5.61 44.77
N PHE A 330 -8.32 -6.80 44.43
CA PHE A 330 -8.48 -7.88 45.41
C PHE A 330 -7.21 -8.74 45.52
N ILE A 331 -6.57 -9.09 44.41
CA ILE A 331 -5.52 -10.16 44.39
C ILE A 331 -4.12 -9.55 44.24
N TYR A 332 -3.85 -8.87 43.13
CA TYR A 332 -2.48 -8.56 42.64
C TYR A 332 -1.97 -7.30 43.34
N HIS A 333 -2.80 -6.28 43.56
CA HIS A 333 -2.36 -5.00 44.17
C HIS A 333 -1.15 -4.42 43.40
N ASP A 334 -1.13 -4.59 42.08
CA ASP A 334 -0.07 -4.02 41.21
C ASP A 334 -0.37 -2.53 41.05
N ARG A 335 0.65 -1.69 41.18
CA ARG A 335 0.52 -0.25 40.91
C ARG A 335 0.25 -0.04 39.42
N VAL A 336 -0.63 0.91 39.10
CA VAL A 336 -1.01 1.30 37.72
C VAL A 336 0.02 2.31 37.23
N PRO A 337 0.88 1.95 36.27
CA PRO A 337 1.91 2.88 35.81
C PRO A 337 1.28 4.07 35.09
N ASP A 338 1.94 5.22 35.22
CA ASP A 338 1.76 6.39 34.32
C ASP A 338 2.09 5.96 32.89
N LEU A 339 1.37 6.45 31.89
CA LEU A 339 1.61 6.07 30.46
C LEU A 339 3.08 6.27 30.09
N LYS A 340 3.72 7.34 30.61
CA LYS A 340 5.08 7.80 30.23
C LYS A 340 6.15 6.75 30.54
N ASP A 341 5.87 5.82 31.46
CA ASP A 341 6.84 4.83 31.98
C ASP A 341 6.61 3.48 31.29
N LEU A 342 5.71 3.43 30.32
CA LEU A 342 5.43 2.20 29.53
C LEU A 342 6.44 2.11 28.38
N ASP A 343 7.04 0.94 28.19
CA ASP A 343 7.72 0.56 26.93
C ASP A 343 6.85 1.07 25.77
N PRO A 344 7.40 1.83 24.79
CA PRO A 344 6.68 2.15 23.56
C PRO A 344 6.28 0.83 22.88
N ILE A 345 5.08 0.79 22.27
CA ILE A 345 4.70 -0.37 21.42
C ILE A 345 5.57 -0.25 20.16
N GLY A 346 6.06 -1.38 19.68
CA GLY A 346 6.76 -1.45 18.41
C GLY A 346 5.83 -1.16 17.23
N LYS A 347 6.41 -1.30 16.04
CA LYS A 347 5.80 -1.04 14.72
C LYS A 347 6.21 -2.17 13.80
N ALA A 348 5.25 -2.80 13.15
CA ALA A 348 5.50 -3.81 12.09
C ALA A 348 4.91 -3.24 10.79
N THR A 349 5.79 -2.94 9.84
CA THR A 349 5.41 -2.45 8.50
C THR A 349 5.26 -3.63 7.56
N LEU A 350 4.05 -3.86 7.05
CA LEU A 350 3.81 -4.97 6.10
C LEU A 350 3.49 -4.42 4.70
N VAL A 351 3.56 -3.09 4.54
CA VAL A 351 3.05 -2.37 3.34
C VAL A 351 4.13 -1.46 2.74
N LYS A 352 4.10 -1.34 1.41
CA LYS A 352 4.86 -0.34 0.62
C LYS A 352 3.95 0.18 -0.51
N SER A 353 4.07 1.47 -0.83
CA SER A 353 3.60 2.11 -2.08
C SER A 353 4.15 1.33 -3.28
N THR A 354 3.31 0.56 -3.96
CA THR A 354 3.77 -0.29 -5.09
C THR A 354 4.27 0.61 -6.22
N PRO A 355 5.55 0.49 -6.64
CA PRO A 355 6.06 1.30 -7.74
C PRO A 355 5.37 1.00 -9.08
N VAL A 356 5.27 2.06 -9.90
CA VAL A 356 4.70 2.02 -11.28
C VAL A 356 5.83 1.79 -12.28
N ASN A 357 5.91 0.57 -12.82
CA ASN A 357 6.88 0.15 -13.86
C ASN A 357 6.12 -0.45 -15.03
N VAL A 358 5.93 0.31 -16.10
CA VAL A 358 5.17 -0.18 -17.28
C VAL A 358 5.91 -1.43 -17.78
N PRO A 359 5.23 -2.54 -18.10
CA PRO A 359 3.77 -2.65 -18.00
C PRO A 359 3.18 -3.02 -16.63
N ILE A 360 2.06 -2.39 -16.27
CA ILE A 360 1.30 -2.66 -15.02
C ILE A 360 0.03 -3.47 -15.35
N SER A 361 -0.36 -3.57 -16.63
CA SER A 361 -1.45 -4.47 -17.11
C SER A 361 -0.93 -5.89 -17.29
N GLN A 362 -1.83 -6.87 -17.37
CA GLN A 362 -1.53 -8.33 -17.31
C GLN A 362 -0.81 -8.82 -18.57
N LYS A 363 -1.52 -9.04 -19.67
CA LYS A 363 -0.89 -9.70 -20.85
C LYS A 363 -0.69 -8.62 -21.91
N PHE A 364 0.27 -7.72 -21.66
CA PHE A 364 0.41 -6.43 -22.37
C PHE A 364 1.15 -6.64 -23.69
N THR A 365 0.48 -6.29 -24.78
CA THR A 365 1.01 -6.29 -26.17
C THR A 365 0.87 -4.87 -26.72
N ASP A 366 2.00 -4.18 -26.90
CA ASP A 366 2.10 -2.85 -27.55
C ASP A 366 1.56 -2.92 -28.99
N LEU A 367 0.37 -2.35 -29.26
CA LEU A 367 -0.24 -2.24 -30.61
C LEU A 367 0.77 -1.63 -31.61
N PHE A 368 1.73 -0.85 -31.14
CA PHE A 368 2.74 -0.13 -31.97
C PHE A 368 4.11 -0.78 -31.73
N GLU A 369 4.16 -2.07 -31.36
CA GLU A 369 5.40 -2.83 -31.06
C GLU A 369 6.35 -2.80 -32.27
N LYS A 370 5.77 -2.94 -33.47
CA LYS A 370 6.48 -3.19 -34.76
C LYS A 370 7.01 -1.88 -35.37
N MET A 371 6.43 -0.72 -34.98
CA MET A 371 6.62 0.58 -35.67
C MET A 371 8.08 1.07 -35.56
N HIS B 7 38.79 -18.26 19.48
CA HIS B 7 38.70 -16.79 19.18
C HIS B 7 37.89 -16.55 17.90
N HIS B 8 36.57 -16.76 17.93
CA HIS B 8 35.67 -16.60 16.75
C HIS B 8 35.83 -15.17 16.19
N HIS B 9 35.74 -15.01 14.87
CA HIS B 9 35.57 -13.69 14.21
C HIS B 9 34.37 -13.00 14.87
N HIS B 10 34.39 -11.68 15.01
CA HIS B 10 33.32 -10.89 15.67
C HIS B 10 31.97 -11.20 14.99
N HIS B 11 31.93 -11.11 13.65
CA HIS B 11 30.71 -11.28 12.81
C HIS B 11 30.13 -12.69 12.97
N HIS B 12 30.96 -13.73 13.07
CA HIS B 12 30.52 -15.15 13.24
C HIS B 12 29.75 -15.30 14.57
N HIS B 13 30.26 -14.70 15.64
CA HIS B 13 29.63 -14.74 16.98
C HIS B 13 28.23 -14.11 16.90
N MET B 14 28.16 -12.91 16.32
CA MET B 14 26.91 -12.12 16.17
C MET B 14 25.89 -12.89 15.32
N LEU B 15 26.36 -13.54 14.25
CA LEU B 15 25.53 -14.46 13.43
C LEU B 15 24.87 -15.47 14.36
N GLU B 16 25.65 -16.25 15.11
CA GLU B 16 25.16 -17.39 15.95
C GLU B 16 24.19 -16.88 17.03
N THR B 17 24.45 -15.69 17.58
CA THR B 17 23.61 -14.99 18.58
C THR B 17 22.24 -14.68 17.95
N LEU B 18 22.21 -13.99 16.80
CA LEU B 18 20.99 -13.70 16.01
C LEU B 18 20.22 -15.00 15.74
N ILE B 19 20.88 -16.00 15.16
CA ILE B 19 20.23 -17.29 14.82
C ILE B 19 19.59 -17.88 16.09
N ASN B 20 20.26 -17.73 17.23
CA ASN B 20 19.76 -18.35 18.49
C ASN B 20 18.40 -17.72 18.79
N LYS B 21 18.33 -16.39 18.79
CA LYS B 21 17.09 -15.57 19.02
C LYS B 21 15.95 -15.94 18.06
N ILE B 22 16.27 -16.35 16.82
CA ILE B 22 15.26 -16.76 15.82
C ILE B 22 14.57 -18.01 16.32
N TYR B 23 15.30 -18.96 16.91
CA TYR B 23 14.76 -20.31 17.26
C TYR B 23 14.10 -20.28 18.64
N THR B 24 14.67 -19.53 19.58
CA THR B 24 14.39 -19.64 21.03
C THR B 24 13.67 -18.37 21.52
N GLY B 25 13.70 -17.28 20.74
CA GLY B 25 13.31 -15.94 21.22
C GLY B 25 12.05 -15.37 20.57
N PRO B 26 11.62 -14.17 21.01
CA PRO B 26 10.48 -13.48 20.42
C PRO B 26 10.76 -12.88 19.03
N LEU B 27 12.01 -12.45 18.80
CA LEU B 27 12.54 -12.03 17.48
C LEU B 27 12.06 -13.03 16.41
N GLY B 28 12.18 -14.33 16.67
CA GLY B 28 11.81 -15.38 15.71
C GLY B 28 10.31 -15.42 15.49
N GLU B 29 9.54 -15.21 16.55
CA GLU B 29 8.07 -15.36 16.53
C GLU B 29 7.50 -14.25 15.63
N GLU B 30 8.07 -13.07 15.75
CA GLU B 30 7.75 -11.87 14.93
C GLU B 30 8.17 -12.13 13.48
N LEU B 31 9.37 -12.65 13.28
CA LEU B 31 9.89 -12.93 11.92
C LEU B 31 8.92 -13.87 11.20
N VAL B 32 8.51 -14.98 11.81
CA VAL B 32 7.69 -16.00 11.09
C VAL B 32 6.27 -15.47 10.87
N GLN B 33 5.84 -14.50 11.68
CA GLN B 33 4.50 -13.89 11.52
C GLN B 33 4.58 -12.80 10.44
N THR B 34 5.69 -12.05 10.38
CA THR B 34 5.97 -11.10 9.29
C THR B 34 6.09 -11.84 7.96
N LEU B 35 6.80 -12.97 7.95
CA LEU B 35 7.03 -13.77 6.72
C LEU B 35 5.73 -14.39 6.22
N TYR B 36 4.92 -14.93 7.11
CA TYR B 36 3.64 -15.55 6.73
C TYR B 36 2.75 -14.48 6.08
N LEU B 37 2.71 -13.25 6.64
CA LEU B 37 1.83 -12.15 6.13
C LEU B 37 2.32 -11.67 4.76
N ARG B 38 3.64 -11.52 4.57
CA ARG B 38 4.21 -11.16 3.24
C ARG B 38 3.93 -12.30 2.26
N ILE B 39 4.10 -13.56 2.65
CA ILE B 39 3.93 -14.70 1.70
C ILE B 39 2.42 -14.87 1.38
N TRP B 40 1.56 -14.74 2.39
CA TRP B 40 0.08 -14.63 2.23
C TRP B 40 -0.26 -13.58 1.15
N ALA B 41 0.31 -12.39 1.24
CA ALA B 41 -0.11 -11.20 0.46
C ALA B 41 0.32 -11.29 -1.00
N MET B 42 1.42 -11.97 -1.28
CA MET B 42 2.08 -11.92 -2.59
C MET B 42 1.25 -12.69 -3.61
N GLU B 43 1.52 -12.45 -4.89
CA GLU B 43 0.90 -13.18 -6.03
C GLU B 43 1.29 -14.66 -5.90
N GLU B 44 0.30 -15.56 -5.94
CA GLU B 44 0.44 -17.00 -5.70
C GLU B 44 1.50 -17.60 -6.65
N THR B 45 2.44 -18.36 -6.09
CA THR B 45 3.35 -19.30 -6.79
C THR B 45 3.17 -20.67 -6.16
N PRO B 46 3.55 -21.77 -6.84
CA PRO B 46 3.45 -23.10 -6.23
C PRO B 46 4.16 -23.12 -4.86
N GLU B 47 5.33 -22.47 -4.77
CA GLU B 47 6.12 -22.31 -3.52
C GLU B 47 5.24 -21.62 -2.47
N SER B 48 4.61 -20.49 -2.81
CA SER B 48 3.83 -19.67 -1.84
C SER B 48 2.60 -20.47 -1.42
N LEU B 49 1.89 -21.08 -2.36
CA LEU B 49 0.74 -21.97 -2.07
C LEU B 49 1.17 -23.09 -1.10
N LYS B 50 2.36 -23.70 -1.30
CA LYS B 50 2.86 -24.83 -0.47
C LYS B 50 3.11 -24.35 0.97
N ILE B 51 3.85 -23.26 1.13
CA ILE B 51 4.10 -22.61 2.45
C ILE B 51 2.75 -22.39 3.16
N LEU B 52 1.75 -21.86 2.44
CA LEU B 52 0.44 -21.43 3.04
C LEU B 52 -0.39 -22.66 3.44
N GLN B 53 -0.30 -23.75 2.68
CA GLN B 53 -1.03 -25.02 2.96
C GLN B 53 -0.44 -25.74 4.18
N MET B 54 0.83 -25.51 4.52
CA MET B 54 1.52 -26.14 5.68
C MET B 54 0.75 -25.82 6.95
N ARG B 55 0.88 -26.68 7.96
CA ARG B 55 0.37 -26.41 9.34
C ARG B 55 1.30 -25.41 10.03
N GLU B 56 0.78 -24.60 10.95
CA GLU B 56 1.53 -23.49 11.57
C GLU B 56 2.94 -23.99 11.97
N ASP B 57 3.05 -24.95 12.90
CA ASP B 57 4.34 -25.51 13.43
C ASP B 57 5.31 -25.84 12.29
N ILE B 58 4.83 -26.54 11.27
CA ILE B 58 5.70 -26.90 10.13
C ILE B 58 6.10 -25.60 9.43
N ARG B 59 5.17 -24.71 9.13
CA ARG B 59 5.49 -23.45 8.40
C ARG B 59 6.49 -22.62 9.24
N ASP B 60 6.27 -22.46 10.55
CA ASP B 60 7.17 -21.67 11.43
C ASP B 60 8.58 -22.19 11.28
N GLN B 61 8.74 -23.51 11.32
CA GLN B 61 10.07 -24.17 11.33
C GLN B 61 10.72 -23.97 9.96
N VAL B 62 9.99 -24.23 8.89
CA VAL B 62 10.51 -24.04 7.49
C VAL B 62 11.02 -22.60 7.35
N LEU B 63 10.27 -21.60 7.82
CA LEU B 63 10.61 -20.17 7.63
C LEU B 63 11.82 -19.80 8.50
N LYS B 64 11.91 -20.34 9.71
CA LYS B 64 13.13 -20.17 10.54
C LYS B 64 14.34 -20.77 9.80
N MET B 65 14.25 -22.00 9.34
CA MET B 65 15.36 -22.73 8.66
C MET B 65 15.76 -21.96 7.41
N LYS B 66 14.79 -21.45 6.64
CA LYS B 66 15.08 -20.69 5.40
C LYS B 66 15.76 -19.36 5.79
N THR B 67 15.31 -18.71 6.86
CA THR B 67 15.91 -17.43 7.28
C THR B 67 17.36 -17.67 7.71
N GLU B 68 17.63 -18.77 8.42
CA GLU B 68 18.98 -19.18 8.88
C GLU B 68 19.87 -19.30 7.63
N ARG B 69 19.47 -20.11 6.65
CA ARG B 69 20.24 -20.36 5.42
C ARG B 69 20.69 -19.01 4.82
N TRP B 70 19.78 -18.03 4.75
CA TRP B 70 20.01 -16.71 4.10
C TRP B 70 20.92 -15.83 4.97
N LEU B 71 20.76 -15.79 6.30
CA LEU B 71 21.72 -15.12 7.20
C LEU B 71 23.12 -15.72 6.98
N ARG B 72 23.25 -17.05 6.99
CA ARG B 72 24.54 -17.75 6.80
C ARG B 72 25.06 -17.40 5.40
N THR B 73 24.19 -17.26 4.39
CA THR B 73 24.63 -16.91 3.02
C THR B 73 25.08 -15.44 2.99
N LEU B 74 24.30 -14.53 3.54
CA LEU B 74 24.53 -13.06 3.45
C LEU B 74 25.78 -12.65 4.25
N ILE B 75 26.03 -13.26 5.39
CA ILE B 75 27.16 -12.87 6.26
C ILE B 75 28.42 -13.66 5.88
N ARG B 76 28.31 -14.91 5.42
CA ARG B 76 29.46 -15.70 4.86
C ARG B 76 30.42 -14.73 4.13
N GLY B 77 31.28 -14.10 4.94
CA GLY B 77 32.32 -13.13 4.51
C GLY B 77 33.62 -13.38 5.25
N GLU B 78 34.57 -12.46 5.08
CA GLU B 78 35.95 -12.52 5.65
C GLU B 78 36.03 -11.55 6.83
N LYS B 79 35.47 -10.34 6.65
CA LYS B 79 35.42 -9.22 7.64
C LYS B 79 35.20 -7.88 6.91
N THR B 80 35.69 -7.73 5.67
CA THR B 80 35.61 -6.48 4.84
C THR B 80 34.21 -6.36 4.20
N LYS B 81 33.50 -7.49 4.01
CA LYS B 81 32.12 -7.52 3.44
C LYS B 81 31.11 -7.03 4.48
N LEU B 82 31.48 -7.05 5.77
CA LEU B 82 30.65 -6.58 6.91
C LEU B 82 30.62 -5.04 6.91
N LYS B 83 31.52 -4.39 6.18
CA LYS B 83 31.38 -2.97 5.76
C LYS B 83 30.61 -2.96 4.43
N ASP B 84 29.77 -1.94 4.20
CA ASP B 84 28.95 -1.82 2.96
C ASP B 84 28.09 -3.08 2.74
N PHE B 85 27.42 -3.57 3.79
CA PHE B 85 26.52 -4.76 3.76
C PHE B 85 25.46 -4.61 2.67
N GLN B 86 25.00 -3.37 2.39
CA GLN B 86 24.03 -3.05 1.31
C GLN B 86 24.49 -3.63 -0.04
N LYS B 87 25.80 -3.77 -0.30
CA LYS B 87 26.32 -4.36 -1.58
C LYS B 87 25.99 -5.85 -1.66
N ARG B 88 25.99 -6.54 -0.52
CA ARG B 88 25.60 -7.97 -0.44
C ARG B 88 24.14 -8.08 -0.95
N TYR B 89 23.22 -7.20 -0.49
CA TYR B 89 21.81 -7.11 -0.98
C TYR B 89 21.80 -6.94 -2.51
N GLU B 90 22.62 -6.02 -3.00
CA GLU B 90 22.73 -5.68 -4.45
C GLU B 90 23.25 -6.89 -5.24
N GLU B 91 24.23 -7.64 -4.72
CA GLU B 91 24.84 -8.83 -5.40
C GLU B 91 23.81 -9.95 -5.57
N VAL B 92 23.00 -10.18 -4.55
CA VAL B 92 22.17 -11.39 -4.30
C VAL B 92 20.75 -11.18 -4.85
N HIS B 93 20.09 -10.08 -4.52
CA HIS B 93 18.63 -9.88 -4.75
C HIS B 93 18.26 -10.17 -6.20
N PRO B 94 18.96 -9.62 -7.23
CA PRO B 94 18.59 -9.83 -8.64
C PRO B 94 18.47 -11.29 -9.08
N TYR B 95 19.13 -12.21 -8.37
CA TYR B 95 19.17 -13.65 -8.74
C TYR B 95 17.91 -14.34 -8.24
N LEU B 96 17.04 -13.62 -7.53
CA LEU B 96 15.85 -14.23 -6.88
C LEU B 96 14.56 -13.77 -7.55
N MET B 97 14.61 -13.15 -8.74
CA MET B 97 13.40 -12.55 -9.39
C MET B 97 12.38 -13.65 -9.68
N LYS B 98 12.84 -14.86 -9.98
CA LYS B 98 11.99 -16.03 -10.27
C LYS B 98 11.94 -16.98 -9.07
N GLU B 99 12.34 -16.52 -7.88
CA GLU B 99 12.18 -17.27 -6.60
C GLU B 99 11.60 -16.31 -5.56
N LYS B 100 10.31 -15.99 -5.68
CA LYS B 100 9.66 -14.85 -4.99
C LYS B 100 9.60 -15.11 -3.49
N VAL B 101 9.33 -16.33 -3.08
CA VAL B 101 9.37 -16.73 -1.64
C VAL B 101 10.79 -16.50 -1.11
N GLU B 102 11.80 -17.07 -1.79
CA GLU B 102 13.21 -16.97 -1.37
C GLU B 102 13.61 -15.51 -1.28
N GLN B 103 13.16 -14.66 -2.20
CA GLN B 103 13.55 -13.22 -2.24
C GLN B 103 12.95 -12.50 -1.04
N VAL B 104 11.68 -12.79 -0.74
CA VAL B 104 10.99 -12.22 0.46
C VAL B 104 11.77 -12.60 1.72
N ILE B 105 12.20 -13.86 1.83
CA ILE B 105 12.91 -14.35 3.04
C ILE B 105 14.30 -13.74 3.07
N MET B 106 14.97 -13.67 1.91
CA MET B 106 16.28 -13.00 1.76
C MET B 106 16.21 -11.53 2.21
N GLU B 107 15.12 -10.81 1.89
CA GLU B 107 15.01 -9.36 2.23
C GLU B 107 14.91 -9.19 3.74
N GLU B 108 14.16 -10.06 4.41
CA GLU B 108 13.97 -10.00 5.88
C GLU B 108 15.28 -10.40 6.54
N ALA B 109 15.94 -11.47 6.06
CA ALA B 109 17.25 -11.90 6.58
C ALA B 109 18.24 -10.73 6.51
N TRP B 110 18.26 -10.01 5.39
CA TRP B 110 19.14 -8.84 5.19
C TRP B 110 18.78 -7.78 6.23
N SER B 111 17.50 -7.43 6.40
CA SER B 111 17.09 -6.45 7.44
C SER B 111 17.60 -6.86 8.83
N LEU B 112 17.44 -8.13 9.24
CA LEU B 112 17.89 -8.68 10.56
C LEU B 112 19.40 -8.51 10.69
N ALA B 113 20.11 -8.98 9.67
CA ALA B 113 21.59 -9.04 9.57
C ALA B 113 22.16 -7.62 9.64
N ALA B 114 21.55 -6.66 8.94
CA ALA B 114 21.99 -5.24 8.88
C ALA B 114 21.97 -4.63 10.28
N HIS B 115 20.93 -4.88 11.07
CA HIS B 115 20.77 -4.28 12.43
C HIS B 115 22.04 -4.52 13.25
N ILE B 116 22.57 -5.76 13.24
CA ILE B 116 23.76 -6.15 14.06
C ILE B 116 25.04 -5.63 13.39
N VAL B 117 25.30 -5.94 12.11
CA VAL B 117 26.59 -5.63 11.40
C VAL B 117 26.75 -4.10 11.18
N GLN B 118 25.66 -3.31 11.24
CA GLN B 118 25.66 -1.81 11.23
C GLN B 118 25.08 -1.32 12.56
#